data_4DQ1
#
_entry.id   4DQ1
#
_cell.length_a   111.309
_cell.length_b   111.309
_cell.length_c   59.081
_cell.angle_alpha   90.00
_cell.angle_beta   90.00
_cell.angle_gamma   90.00
#
_symmetry.space_group_name_H-M   'P 43'
#
loop_
_entity.id
_entity.type
_entity.pdbx_description
1 polymer 'Thymidylate synthase'
2 non-polymer "2'-DEOXYURIDINE 5'-MONOPHOSPHATE"
3 water water
#
_entity_poly.entity_id   1
_entity_poly.type   'polypeptide(L)'
_entity_poly.pdbx_seq_one_letter_code
;SNAMLNSFDAAYHSLCEEVLEIGNTRNDRTNTGTISKFGHQLRFDLSKGFPLLTTKKVSFKLVATELLWFIKGDTNIQYL
LKYNNNIWNEWAFENYIKSDEYNGPDMTDFGHRALSDPEFNEQYKEQMKQFKQRILEDDTFAKQFGDLGNVYGKQWRDWV
DKDGNHFDQLKTVIEQIKHNPDSRRHIVSAWNPTEIDTMALPPCHTMFQFYVQDGKLSCQLYQRSADIFLGVPFNIASYA
LLTHLIAKECGLEVGEFVHTFGDAHIYSNHIDAIQTQLARESFNPPTLKINSDKSIFDINYEDLEIVDYESHPAIKAPIA
V
;
_entity_poly.pdbx_strand_id   A,B
#
loop_
_chem_comp.id
_chem_comp.type
_chem_comp.name
_chem_comp.formula
UMP non-polymer '2'-DEOXYURIDINE 5'-MONOPHOSPHATE' 'C9 H13 N2 O8 P'
#
# COMPACT_ATOMS: atom_id res chain seq x y z
N ASN A 6 20.55 -10.97 15.91
CA ASN A 6 20.47 -11.52 14.55
C ASN A 6 19.77 -10.53 13.67
N SER A 7 19.87 -10.73 12.37
CA SER A 7 19.41 -9.69 11.44
C SER A 7 17.92 -9.29 11.67
N PHE A 8 17.07 -10.27 12.04
CA PHE A 8 15.62 -10.08 12.21
C PHE A 8 15.34 -9.20 13.42
N ASP A 9 15.87 -9.58 14.57
CA ASP A 9 15.77 -8.80 15.79
C ASP A 9 16.42 -7.40 15.55
N ALA A 10 17.54 -7.40 14.85
CA ALA A 10 18.27 -6.16 14.57
C ALA A 10 17.35 -5.18 13.86
N ALA A 11 16.58 -5.72 12.93
CA ALA A 11 15.74 -4.89 12.11
C ALA A 11 14.69 -4.29 13.01
N TYR A 12 13.89 -5.16 13.67
CA TYR A 12 12.92 -4.73 14.67
C TYR A 12 13.50 -3.79 15.73
N HIS A 13 14.74 -4.01 16.13
CA HIS A 13 15.27 -3.15 17.16
C HIS A 13 15.49 -1.73 16.67
N SER A 14 16.18 -1.60 15.56
CA SER A 14 16.34 -0.33 14.86
C SER A 14 15.06 0.48 14.76
N LEU A 15 13.96 -0.18 14.40
CA LEU A 15 12.70 0.54 14.24
C LEU A 15 12.32 1.20 15.56
N CYS A 16 12.21 0.37 16.59
CA CYS A 16 11.97 0.89 17.94
C CYS A 16 12.94 2.00 18.23
N GLU A 17 14.22 1.67 18.11
CA GLU A 17 15.34 2.58 18.39
C GLU A 17 15.15 3.92 17.69
N GLU A 18 14.96 3.90 16.37
CA GLU A 18 14.62 5.10 15.64
C GLU A 18 13.36 5.80 16.14
N VAL A 19 12.24 5.10 16.23
CA VAL A 19 11.02 5.75 16.74
C VAL A 19 11.29 6.41 18.07
N LEU A 20 11.89 5.71 19.02
CA LEU A 20 12.10 6.27 20.38
C LEU A 20 12.83 7.62 20.35
N GLU A 21 13.81 7.68 19.45
CA GLU A 21 14.64 8.82 19.32
C GLU A 21 13.86 9.91 18.60
N ILE A 22 13.62 9.74 17.30
CA ILE A 22 13.11 10.85 16.49
C ILE A 22 11.61 10.84 16.21
N GLY A 23 10.90 9.92 16.85
CA GLY A 23 9.47 9.83 16.67
C GLY A 23 8.87 11.04 17.32
N ASN A 24 7.62 11.36 16.99
CA ASN A 24 7.00 12.55 17.52
C ASN A 24 5.81 12.20 18.41
N THR A 25 5.74 12.86 19.56
CA THR A 25 4.60 12.79 20.46
C THR A 25 3.34 13.19 19.72
N ARG A 26 2.35 12.32 19.73
CA ARG A 26 1.10 12.71 19.13
C ARG A 26 -0.05 12.04 19.85
N ASN A 27 -1.25 12.50 19.56
CA ASN A 27 -2.48 11.90 20.08
C ASN A 27 -3.05 10.98 19.00
N ASP A 28 -3.78 9.95 19.41
CA ASP A 28 -4.31 9.06 18.43
C ASP A 28 -5.77 8.85 18.64
N ARG A 29 -6.36 8.08 17.72
CA ARG A 29 -7.78 7.76 17.73
C ARG A 29 -8.25 7.14 19.06
N THR A 30 -7.36 6.40 19.75
CA THR A 30 -7.76 5.74 20.98
C THR A 30 -7.56 6.60 22.21
N ASN A 31 -7.08 7.84 22.03
CA ASN A 31 -6.68 8.73 23.16
C ASN A 31 -5.67 8.06 24.11
N THR A 32 -4.70 7.34 23.55
CA THR A 32 -3.67 6.71 24.38
C THR A 32 -2.43 7.51 24.23
N GLY A 33 -2.25 8.11 23.07
CA GLY A 33 -1.00 8.80 22.81
C GLY A 33 0.03 7.80 22.31
N THR A 34 0.76 8.23 21.29
CA THR A 34 1.86 7.45 20.77
C THR A 34 3.04 8.37 20.49
N ILE A 35 4.20 7.76 20.35
CA ILE A 35 5.28 8.37 19.59
C ILE A 35 5.41 7.62 18.24
N SER A 36 5.42 8.41 17.17
CA SER A 36 5.21 7.94 15.82
C SER A 36 6.22 8.52 14.83
N LYS A 37 6.65 7.66 13.90
CA LYS A 37 7.34 8.07 12.67
C LYS A 37 6.44 7.76 11.50
N PHE A 38 6.53 8.53 10.44
CA PHE A 38 5.74 8.23 9.30
C PHE A 38 6.68 7.94 8.15
N GLY A 39 6.67 6.68 7.70
CA GLY A 39 7.49 6.24 6.59
C GLY A 39 8.69 5.46 7.06
N HIS A 40 8.71 4.16 6.75
CA HIS A 40 9.80 3.27 7.13
C HIS A 40 9.79 1.99 6.35
N GLN A 41 10.94 1.35 6.25
CA GLN A 41 11.07 0.16 5.44
C GLN A 41 12.09 -0.74 6.07
N LEU A 42 11.67 -1.98 6.28
CA LEU A 42 12.48 -2.98 6.93
C LEU A 42 12.54 -4.09 5.95
N ARG A 43 13.67 -4.81 5.95
CA ARG A 43 13.79 -6.10 5.20
C ARG A 43 14.10 -7.28 6.07
N PHE A 44 13.66 -8.44 5.63
CA PHE A 44 13.94 -9.68 6.32
C PHE A 44 14.27 -10.71 5.28
N ASP A 45 15.53 -11.15 5.28
CA ASP A 45 15.97 -12.21 4.38
C ASP A 45 15.46 -13.56 4.90
N LEU A 46 14.51 -14.15 4.21
CA LEU A 46 13.96 -15.43 4.71
C LEU A 46 14.86 -16.67 4.47
N SER A 47 15.94 -16.50 3.72
CA SER A 47 16.85 -17.62 3.56
C SER A 47 17.64 -17.85 4.85
N LYS A 48 17.84 -16.77 5.62
CA LYS A 48 18.56 -16.84 6.90
C LYS A 48 17.78 -17.58 8.00
N GLY A 49 16.51 -17.89 7.78
CA GLY A 49 15.67 -18.42 8.85
C GLY A 49 14.32 -17.77 8.84
N PHE A 50 13.51 -18.05 9.85
CA PHE A 50 12.16 -17.55 9.89
C PHE A 50 12.06 -16.52 11.01
N PRO A 51 11.50 -15.33 10.71
CA PRO A 51 11.55 -14.19 11.63
C PRO A 51 10.46 -14.21 12.71
N LEU A 52 10.51 -15.20 13.60
CA LEU A 52 9.82 -15.02 14.87
C LEU A 52 10.83 -14.32 15.72
N LEU A 53 10.45 -13.19 16.28
CA LEU A 53 11.35 -12.44 17.14
C LEU A 53 11.96 -13.33 18.24
N THR A 54 13.16 -13.03 18.71
CA THR A 54 13.74 -13.84 19.81
C THR A 54 14.00 -13.04 21.05
N THR A 55 13.88 -11.73 20.96
CA THR A 55 14.06 -10.90 22.14
C THR A 55 12.76 -10.84 22.96
N LYS A 56 11.71 -11.45 22.41
CA LYS A 56 10.40 -11.60 23.04
C LYS A 56 9.70 -12.77 22.35
N LYS A 57 9.16 -13.70 23.14
CA LYS A 57 8.46 -14.86 22.57
C LYS A 57 7.24 -14.44 21.77
N VAL A 58 7.10 -15.00 20.57
CA VAL A 58 5.95 -14.72 19.71
C VAL A 58 5.32 -16.10 19.50
N SER A 59 3.98 -16.16 19.50
CA SER A 59 3.27 -17.41 19.41
C SER A 59 3.05 -17.81 17.96
N PHE A 60 3.92 -18.66 17.42
CA PHE A 60 3.68 -19.19 16.09
C PHE A 60 2.25 -19.73 15.97
N LYS A 61 1.78 -20.44 17.00
CA LYS A 61 0.40 -20.95 16.99
C LYS A 61 -0.64 -19.89 16.65
N LEU A 62 -0.54 -18.72 17.28
CA LEU A 62 -1.56 -17.68 17.07
C LEU A 62 -1.49 -17.20 15.62
N VAL A 63 -0.26 -16.84 15.21
CA VAL A 63 0.08 -16.42 13.84
C VAL A 63 -0.45 -17.34 12.77
N ALA A 64 0.01 -18.57 12.81
CA ALA A 64 -0.28 -19.49 11.73
C ALA A 64 -1.74 -19.84 11.71
N THR A 65 -2.34 -20.02 12.87
CA THR A 65 -3.77 -20.41 12.83
C THR A 65 -4.65 -19.26 12.38
N GLU A 66 -4.28 -18.03 12.71
CA GLU A 66 -5.06 -16.93 12.18
C GLU A 66 -4.96 -16.95 10.64
N LEU A 67 -3.71 -17.02 10.16
CA LEU A 67 -3.44 -16.85 8.77
C LEU A 67 -4.16 -17.95 7.99
N LEU A 68 -4.01 -19.21 8.40
CA LEU A 68 -4.64 -20.33 7.66
C LEU A 68 -6.17 -20.12 7.56
N TRP A 69 -6.72 -19.65 8.67
CA TRP A 69 -8.10 -19.32 8.78
C TRP A 69 -8.51 -18.25 7.79
N PHE A 70 -7.73 -17.15 7.69
CA PHE A 70 -7.97 -16.08 6.69
C PHE A 70 -7.92 -16.73 5.31
N ILE A 71 -6.79 -17.37 4.96
CA ILE A 71 -6.65 -17.81 3.58
C ILE A 71 -7.64 -18.92 3.16
N LYS A 72 -8.16 -19.68 4.12
CA LYS A 72 -9.14 -20.71 3.83
C LYS A 72 -10.53 -20.18 3.66
N GLY A 73 -10.76 -18.93 4.03
CA GLY A 73 -12.09 -18.33 3.92
C GLY A 73 -13.09 -18.82 4.95
N ASP A 74 -12.59 -19.24 6.12
CA ASP A 74 -13.46 -19.59 7.22
C ASP A 74 -13.83 -18.38 8.06
N THR A 75 -15.12 -18.12 8.14
CA THR A 75 -15.62 -17.01 8.88
C THR A 75 -15.84 -17.36 10.39
N ASN A 76 -15.65 -18.62 10.79
CA ASN A 76 -16.12 -19.08 12.11
C ASN A 76 -15.05 -19.26 13.17
N ILE A 77 -15.22 -18.65 14.32
CA ILE A 77 -14.19 -18.73 15.32
C ILE A 77 -14.07 -20.03 16.09
N GLN A 78 -14.91 -21.00 15.80
CA GLN A 78 -14.74 -22.27 16.47
C GLN A 78 -13.33 -22.80 16.17
N TYR A 79 -12.91 -22.60 14.91
CA TYR A 79 -11.60 -23.05 14.46
C TYR A 79 -10.53 -22.43 15.36
N LEU A 80 -10.61 -21.10 15.50
CA LEU A 80 -9.63 -20.36 16.28
C LEU A 80 -9.59 -20.89 17.69
N LEU A 81 -10.77 -21.05 18.30
CA LEU A 81 -10.86 -21.55 19.66
C LEU A 81 -10.25 -22.92 19.89
N LYS A 82 -10.11 -23.76 18.86
CA LYS A 82 -9.57 -25.13 19.04
C LYS A 82 -8.09 -25.00 19.27
N TYR A 83 -7.57 -23.84 18.99
CA TYR A 83 -6.13 -23.70 19.07
C TYR A 83 -5.78 -22.69 20.16
N ASN A 84 -6.81 -22.29 20.90
CA ASN A 84 -6.69 -21.30 21.96
C ASN A 84 -6.26 -19.97 21.36
N ASN A 85 -6.85 -19.65 20.23
CA ASN A 85 -6.67 -18.38 19.58
C ASN A 85 -7.87 -17.44 19.85
N ASN A 86 -7.68 -16.50 20.76
CA ASN A 86 -8.81 -15.72 21.26
C ASN A 86 -8.86 -14.36 20.63
N ILE A 87 -8.05 -14.14 19.59
CA ILE A 87 -8.02 -12.84 18.90
C ILE A 87 -9.41 -12.20 18.71
N TRP A 88 -10.42 -13.02 18.40
CA TRP A 88 -11.71 -12.49 17.95
C TRP A 88 -12.86 -12.89 18.84
N ASN A 89 -12.63 -12.95 20.13
CA ASN A 89 -13.64 -13.47 21.04
C ASN A 89 -14.52 -12.40 21.62
N GLU A 90 -14.16 -11.15 21.38
CA GLU A 90 -14.89 -10.09 22.01
C GLU A 90 -16.11 -9.81 21.15
N TRP A 91 -15.89 -9.70 19.84
CA TRP A 91 -16.98 -9.42 18.89
C TRP A 91 -18.05 -10.47 18.97
N ALA A 92 -17.62 -11.70 19.19
CA ALA A 92 -18.55 -12.80 19.26
C ALA A 92 -19.38 -12.81 20.56
N PHE A 93 -18.75 -12.47 21.68
CA PHE A 93 -19.50 -12.40 22.94
C PHE A 93 -20.51 -11.29 22.89
N GLU A 94 -20.14 -10.15 22.29
CA GLU A 94 -21.05 -8.99 22.23
C GLU A 94 -22.36 -9.29 21.48
N ASN A 95 -22.27 -9.95 20.32
CA ASN A 95 -23.48 -10.35 19.58
C ASN A 95 -24.34 -11.28 20.43
N TYR A 96 -23.75 -12.38 20.85
CA TYR A 96 -24.43 -13.32 21.71
C TYR A 96 -25.20 -12.67 22.86
N ILE A 97 -24.51 -11.92 23.72
CA ILE A 97 -25.14 -11.33 24.94
C ILE A 97 -26.20 -10.25 24.70
N LYS A 98 -26.55 -10.05 23.43
CA LYS A 98 -27.62 -9.15 23.00
C LYS A 98 -28.83 -9.97 22.58
N SER A 99 -28.53 -11.12 21.96
CA SER A 99 -29.53 -12.13 21.57
C SER A 99 -30.38 -12.55 22.74
N ASP A 100 -31.62 -12.95 22.45
CA ASP A 100 -32.63 -13.28 23.46
C ASP A 100 -32.51 -14.63 24.18
N GLU A 101 -31.71 -15.53 23.58
CA GLU A 101 -31.31 -16.82 24.18
C GLU A 101 -29.95 -16.74 24.90
N TYR A 102 -29.55 -15.55 25.32
CA TYR A 102 -28.58 -15.38 26.41
C TYR A 102 -29.32 -15.17 27.75
N ASN A 103 -29.26 -16.21 28.58
CA ASN A 103 -29.84 -16.20 29.91
C ASN A 103 -28.75 -16.23 30.96
N GLY A 104 -27.95 -15.18 30.95
CA GLY A 104 -27.02 -14.85 32.01
C GLY A 104 -27.27 -13.38 32.32
N PRO A 105 -26.51 -12.82 33.28
CA PRO A 105 -26.64 -11.41 33.71
C PRO A 105 -26.32 -10.42 32.60
N ASP A 106 -26.95 -9.25 32.66
CA ASP A 106 -26.82 -8.27 31.59
C ASP A 106 -25.35 -7.96 31.50
N MET A 107 -24.78 -8.36 30.37
CA MET A 107 -23.36 -8.16 30.05
C MET A 107 -23.22 -6.95 29.13
N THR A 108 -24.23 -6.07 29.25
CA THR A 108 -24.34 -4.88 28.42
C THR A 108 -23.10 -4.00 28.58
N ASP A 109 -22.47 -3.66 27.44
CA ASP A 109 -21.26 -2.82 27.41
C ASP A 109 -20.40 -3.08 28.67
N PHE A 110 -19.77 -4.25 28.63
CA PHE A 110 -18.77 -4.72 29.59
C PHE A 110 -17.37 -4.20 29.20
N GLY A 111 -16.36 -4.56 29.98
CA GLY A 111 -14.96 -4.25 29.64
C GLY A 111 -14.40 -3.05 30.37
N HIS A 112 -14.94 -1.89 30.04
CA HIS A 112 -14.80 -0.72 30.88
C HIS A 112 -15.40 -1.15 32.19
N ARG A 113 -16.57 -1.81 32.10
CA ARG A 113 -17.33 -2.27 33.26
C ARG A 113 -16.74 -3.51 33.96
N ALA A 114 -15.93 -4.30 33.24
CA ALA A 114 -15.26 -5.47 33.85
C ALA A 114 -14.05 -5.06 34.71
N LEU A 115 -13.23 -4.13 34.20
CA LEU A 115 -12.20 -3.45 34.99
C LEU A 115 -12.85 -2.77 36.22
N SER A 116 -13.82 -1.91 35.94
CA SER A 116 -14.61 -1.25 36.96
C SER A 116 -14.95 -2.17 38.14
N ASP A 117 -15.74 -3.22 37.87
CA ASP A 117 -16.51 -3.87 38.92
C ASP A 117 -16.06 -5.34 39.04
N PRO A 118 -15.40 -5.69 40.16
CA PRO A 118 -14.87 -7.04 40.38
C PRO A 118 -15.84 -8.11 40.91
N GLU A 119 -17.13 -7.80 41.01
CA GLU A 119 -18.16 -8.85 41.22
C GLU A 119 -18.70 -9.27 39.86
N PHE A 120 -18.80 -8.27 38.99
CA PHE A 120 -19.19 -8.43 37.60
C PHE A 120 -18.14 -9.20 36.80
N ASN A 121 -16.87 -8.81 36.96
CA ASN A 121 -15.75 -9.50 36.30
C ASN A 121 -15.79 -11.01 36.53
N GLU A 122 -16.16 -11.43 37.75
CA GLU A 122 -16.41 -12.83 38.06
C GLU A 122 -17.57 -13.41 37.26
N GLN A 123 -18.71 -12.72 37.19
CA GLN A 123 -19.81 -13.13 36.30
C GLN A 123 -19.37 -13.05 34.82
N TYR A 124 -18.52 -12.07 34.48
CA TYR A 124 -18.10 -11.91 33.08
C TYR A 124 -17.23 -13.07 32.62
N LYS A 125 -16.07 -13.23 33.26
CA LYS A 125 -15.17 -14.37 33.06
C LYS A 125 -15.93 -15.70 33.07
N GLU A 126 -16.91 -15.78 33.97
CA GLU A 126 -17.77 -16.94 34.10
C GLU A 126 -18.59 -17.20 32.85
N GLN A 127 -19.19 -16.14 32.32
CA GLN A 127 -20.02 -16.26 31.11
C GLN A 127 -19.23 -16.49 29.80
N MET A 128 -18.13 -15.76 29.65
CA MET A 128 -17.19 -15.97 28.54
C MET A 128 -16.73 -17.44 28.47
N LYS A 129 -16.36 -18.00 29.61
CA LYS A 129 -16.02 -19.42 29.73
C LYS A 129 -17.07 -20.42 29.21
N GLN A 130 -18.34 -20.08 29.33
CA GLN A 130 -19.39 -20.96 28.82
C GLN A 130 -19.63 -20.72 27.35
N PHE A 131 -19.74 -19.46 26.95
CA PHE A 131 -19.84 -19.11 25.54
C PHE A 131 -18.76 -19.87 24.73
N LYS A 132 -17.53 -19.72 25.18
CA LYS A 132 -16.36 -20.37 24.62
C LYS A 132 -16.53 -21.91 24.57
N GLN A 133 -16.92 -22.48 25.71
CA GLN A 133 -17.08 -23.93 25.88
C GLN A 133 -18.19 -24.44 24.96
N ARG A 134 -19.25 -23.65 24.83
CA ARG A 134 -20.41 -24.04 24.04
C ARG A 134 -20.15 -23.89 22.53
N ILE A 135 -19.41 -22.86 22.13
CA ILE A 135 -18.88 -22.75 20.75
C ILE A 135 -18.12 -24.01 20.35
N LEU A 136 -17.28 -24.50 21.27
CA LEU A 136 -16.46 -25.72 21.02
C LEU A 136 -17.25 -27.04 21.01
N GLU A 137 -18.21 -27.17 21.94
CA GLU A 137 -18.98 -28.43 22.17
C GLU A 137 -20.27 -28.61 21.35
N ASP A 138 -20.98 -27.51 21.07
CA ASP A 138 -22.24 -27.53 20.30
C ASP A 138 -22.06 -26.87 18.94
N ASP A 139 -21.89 -27.68 17.90
CA ASP A 139 -21.72 -27.18 16.55
C ASP A 139 -22.91 -26.31 16.09
N THR A 140 -24.08 -26.64 16.60
CA THR A 140 -25.26 -25.88 16.30
C THR A 140 -25.06 -24.48 16.83
N PHE A 141 -24.71 -24.44 18.10
CA PHE A 141 -24.54 -23.18 18.77
C PHE A 141 -23.43 -22.42 18.06
N ALA A 142 -22.42 -23.14 17.58
CA ALA A 142 -21.31 -22.48 16.88
C ALA A 142 -21.73 -21.86 15.58
N LYS A 143 -22.50 -22.59 14.77
CA LYS A 143 -22.99 -22.08 13.47
C LYS A 143 -23.72 -20.75 13.61
N GLN A 144 -24.44 -20.65 14.71
CA GLN A 144 -25.38 -19.60 14.93
C GLN A 144 -24.79 -18.41 15.69
N PHE A 145 -23.55 -18.55 16.17
CA PHE A 145 -22.88 -17.50 16.96
C PHE A 145 -21.36 -17.42 16.77
N GLY A 146 -20.79 -18.21 15.87
CA GLY A 146 -19.36 -18.25 15.72
C GLY A 146 -18.88 -17.43 14.56
N ASP A 147 -19.79 -16.74 13.87
CA ASP A 147 -19.60 -16.38 12.48
C ASP A 147 -19.61 -14.88 12.19
N LEU A 148 -18.45 -14.31 11.81
CA LEU A 148 -18.32 -12.85 11.50
C LEU A 148 -18.28 -12.45 10.00
N GLY A 149 -17.90 -11.18 9.77
CA GLY A 149 -17.74 -10.64 8.42
C GLY A 149 -16.59 -9.65 8.26
N ASN A 150 -15.99 -9.22 9.40
CA ASN A 150 -14.94 -8.13 9.47
C ASN A 150 -13.47 -8.56 9.17
N VAL A 151 -13.25 -9.16 8.00
CA VAL A 151 -12.10 -10.01 7.78
C VAL A 151 -11.27 -9.64 6.51
N TYR A 152 -9.95 -9.86 6.58
CA TYR A 152 -8.97 -9.77 5.44
C TYR A 152 -9.16 -10.87 4.36
N GLY A 153 -9.41 -12.11 4.80
CA GLY A 153 -9.74 -13.21 3.92
C GLY A 153 -10.85 -12.90 2.91
N LYS A 154 -11.88 -12.18 3.36
CA LYS A 154 -12.93 -11.68 2.47
C LYS A 154 -12.32 -10.99 1.24
N GLN A 155 -11.51 -9.96 1.47
CA GLN A 155 -11.03 -9.13 0.37
C GLN A 155 -10.01 -9.85 -0.50
N TRP A 156 -9.26 -10.77 0.11
CA TRP A 156 -8.24 -11.57 -0.59
C TRP A 156 -8.84 -12.53 -1.57
N ARG A 157 -10.07 -12.96 -1.27
CA ARG A 157 -10.63 -14.18 -1.82
C ARG A 157 -11.97 -13.98 -2.50
N ASP A 158 -12.55 -12.80 -2.28
CA ASP A 158 -13.97 -12.62 -2.57
C ASP A 158 -14.30 -11.15 -2.61
N TRP A 159 -13.96 -10.52 -3.73
CA TRP A 159 -14.21 -9.12 -3.89
C TRP A 159 -15.21 -9.02 -5.00
N VAL A 160 -16.37 -8.46 -4.69
CA VAL A 160 -17.49 -8.44 -5.63
C VAL A 160 -17.74 -7.08 -6.31
N ASP A 161 -18.08 -7.10 -7.58
CA ASP A 161 -18.35 -5.87 -8.28
C ASP A 161 -19.87 -5.67 -8.51
N LYS A 162 -20.18 -4.48 -9.05
CA LYS A 162 -21.53 -4.03 -9.41
C LYS A 162 -22.49 -5.11 -9.96
N ASP A 163 -21.96 -6.01 -10.79
CA ASP A 163 -22.73 -7.07 -11.45
C ASP A 163 -22.75 -8.41 -10.71
N GLY A 164 -21.99 -8.53 -9.63
CA GLY A 164 -21.92 -9.77 -8.87
C GLY A 164 -20.93 -10.83 -9.37
N ASN A 165 -20.03 -10.44 -10.26
CA ASN A 165 -18.83 -11.24 -10.54
C ASN A 165 -17.92 -11.21 -9.32
N HIS A 166 -17.39 -12.37 -8.91
CA HIS A 166 -16.43 -12.43 -7.81
C HIS A 166 -15.00 -12.46 -8.30
N PHE A 167 -14.10 -11.79 -7.59
CA PHE A 167 -12.69 -11.79 -7.93
C PHE A 167 -11.91 -12.27 -6.73
N ASP A 168 -11.19 -13.34 -6.95
CA ASP A 168 -10.38 -13.94 -5.94
C ASP A 168 -8.91 -13.57 -6.20
N GLN A 169 -8.46 -12.53 -5.55
CA GLN A 169 -7.11 -12.07 -5.73
C GLN A 169 -5.99 -13.11 -5.39
N LEU A 170 -6.05 -13.66 -4.18
CA LEU A 170 -5.08 -14.66 -3.80
C LEU A 170 -4.90 -15.68 -4.90
N LYS A 171 -5.97 -16.41 -5.22
CA LYS A 171 -5.87 -17.42 -6.25
C LYS A 171 -5.44 -16.85 -7.62
N THR A 172 -5.81 -15.61 -7.92
CA THR A 172 -5.43 -15.06 -9.18
C THR A 172 -3.93 -14.78 -9.22
N VAL A 173 -3.34 -14.33 -8.12
CA VAL A 173 -1.91 -14.06 -8.18
C VAL A 173 -1.14 -15.34 -8.11
N ILE A 174 -1.65 -16.34 -7.42
CA ILE A 174 -0.90 -17.57 -7.44
C ILE A 174 -0.82 -18.00 -8.91
N GLU A 175 -1.93 -17.93 -9.65
CA GLU A 175 -1.85 -18.30 -11.06
C GLU A 175 -0.87 -17.40 -11.77
N GLN A 176 -0.99 -16.10 -11.57
CA GLN A 176 -0.18 -15.17 -12.29
C GLN A 176 1.32 -15.35 -11.95
N ILE A 177 1.61 -15.84 -10.75
CA ILE A 177 2.99 -16.11 -10.42
C ILE A 177 3.47 -17.32 -11.17
N LYS A 178 2.66 -18.35 -11.20
CA LYS A 178 2.96 -19.53 -11.99
C LYS A 178 3.19 -19.17 -13.44
N HIS A 179 2.35 -18.33 -14.02
CA HIS A 179 2.38 -18.14 -15.49
C HIS A 179 3.11 -16.94 -15.92
N ASN A 180 3.36 -16.02 -15.04
CA ASN A 180 3.97 -14.79 -15.43
C ASN A 180 4.85 -14.18 -14.34
N PRO A 181 5.86 -14.95 -13.89
CA PRO A 181 6.61 -14.52 -12.69
C PRO A 181 7.08 -13.09 -12.82
N ASP A 182 7.58 -12.72 -14.00
CA ASP A 182 8.24 -11.41 -14.21
C ASP A 182 7.30 -10.20 -14.11
N SER A 183 6.00 -10.45 -14.09
CA SER A 183 5.05 -9.35 -14.05
C SER A 183 5.28 -8.40 -12.86
N ARG A 184 5.06 -7.11 -13.05
CA ARG A 184 5.28 -6.17 -11.94
C ARG A 184 3.91 -5.87 -11.36
N ARG A 185 2.98 -6.78 -11.62
CA ARG A 185 1.61 -6.56 -11.24
C ARG A 185 1.06 -7.56 -10.27
N HIS A 186 1.93 -8.23 -9.50
CA HIS A 186 1.48 -9.20 -8.51
C HIS A 186 0.94 -8.54 -7.26
N ILE A 187 -0.30 -8.06 -7.31
CA ILE A 187 -0.79 -7.21 -6.24
C ILE A 187 -2.00 -7.84 -5.53
N VAL A 188 -2.02 -7.84 -4.20
CA VAL A 188 -3.24 -8.17 -3.52
C VAL A 188 -3.64 -7.04 -2.58
N SER A 189 -4.85 -6.55 -2.77
CA SER A 189 -5.33 -5.45 -1.94
C SER A 189 -6.46 -5.79 -0.99
N ALA A 190 -6.38 -5.20 0.21
CA ALA A 190 -7.39 -5.37 1.25
C ALA A 190 -8.24 -4.10 1.47
N TRP A 191 -7.94 -3.06 0.70
CA TRP A 191 -8.52 -1.75 0.94
C TRP A 191 -9.60 -1.43 -0.04
N ASN A 192 -10.83 -1.57 0.42
CA ASN A 192 -11.95 -1.30 -0.42
C ASN A 192 -12.57 -0.04 0.06
N PRO A 193 -12.20 1.06 -0.58
CA PRO A 193 -12.65 2.34 -0.10
C PRO A 193 -14.18 2.43 0.04
N THR A 194 -14.95 1.72 -0.79
CA THR A 194 -16.41 1.86 -0.72
C THR A 194 -17.00 1.33 0.59
N GLU A 195 -16.15 0.75 1.42
CA GLU A 195 -16.62 0.03 2.60
C GLU A 195 -15.94 0.52 3.85
N ILE A 196 -14.94 1.37 3.65
CA ILE A 196 -14.11 1.84 4.75
C ILE A 196 -14.91 2.57 5.83
N ASP A 197 -15.92 3.35 5.39
CA ASP A 197 -16.67 4.24 6.30
C ASP A 197 -17.58 3.49 7.27
N THR A 198 -18.05 2.30 6.87
CA THR A 198 -18.90 1.49 7.75
C THR A 198 -18.16 0.47 8.62
N MET A 199 -17.17 -0.21 8.07
CA MET A 199 -16.60 -1.37 8.76
C MET A 199 -16.01 -1.14 10.16
N ALA A 200 -16.14 -2.19 10.99
CA ALA A 200 -15.50 -2.30 12.31
C ALA A 200 -14.06 -1.75 12.34
N LEU A 201 -13.08 -2.49 11.81
CA LEU A 201 -11.68 -2.06 11.91
C LEU A 201 -10.94 -2.00 10.59
N PRO A 202 -10.95 -0.84 9.92
CA PRO A 202 -10.33 -0.75 8.58
C PRO A 202 -8.95 -1.39 8.56
N PRO A 203 -8.69 -2.29 7.57
CA PRO A 203 -7.44 -3.06 7.49
C PRO A 203 -6.24 -2.17 7.63
N CYS A 204 -5.31 -2.55 8.51
CA CYS A 204 -3.99 -1.94 8.55
C CYS A 204 -3.08 -2.41 7.41
N HIS A 205 -3.28 -3.63 6.93
CA HIS A 205 -2.46 -4.18 5.88
C HIS A 205 -3.10 -3.91 4.58
N THR A 206 -2.93 -2.69 4.08
CA THR A 206 -3.77 -2.25 2.97
C THR A 206 -3.49 -2.99 1.70
N MET A 207 -2.25 -3.32 1.41
CA MET A 207 -1.98 -4.15 0.25
C MET A 207 -0.62 -4.75 0.31
N PHE A 208 -0.38 -5.75 -0.54
CA PHE A 208 0.95 -6.31 -0.66
C PHE A 208 1.30 -6.72 -2.10
N GLN A 209 2.57 -6.95 -2.35
CA GLN A 209 2.99 -7.19 -3.70
C GLN A 209 3.99 -8.35 -3.72
N PHE A 210 3.84 -9.29 -4.68
CA PHE A 210 4.84 -10.36 -4.82
C PHE A 210 5.83 -10.06 -5.94
N TYR A 211 6.96 -10.72 -5.90
CA TYR A 211 8.04 -10.47 -6.85
C TYR A 211 8.86 -11.79 -6.97
N VAL A 212 9.25 -12.18 -8.19
CA VAL A 212 10.06 -13.40 -8.44
C VAL A 212 11.35 -13.05 -9.16
N GLN A 213 12.46 -13.42 -8.55
CA GLN A 213 13.79 -13.28 -9.12
C GLN A 213 14.53 -14.57 -8.77
N ASP A 214 15.01 -15.27 -9.78
CA ASP A 214 15.99 -16.30 -9.51
C ASP A 214 15.39 -17.45 -8.70
N GLY A 215 14.18 -17.84 -9.03
CA GLY A 215 13.54 -18.93 -8.33
C GLY A 215 13.00 -18.56 -6.96
N LYS A 216 13.08 -17.27 -6.62
CA LYS A 216 12.73 -16.78 -5.28
C LYS A 216 11.57 -15.78 -5.23
N LEU A 217 10.65 -16.02 -4.30
CA LEU A 217 9.44 -15.19 -4.13
C LEU A 217 9.71 -14.17 -3.04
N SER A 218 9.52 -12.88 -3.35
CA SER A 218 9.59 -11.88 -2.29
C SER A 218 8.22 -11.29 -2.07
N CYS A 219 8.06 -10.57 -0.99
CA CYS A 219 6.78 -9.98 -0.77
C CYS A 219 6.96 -8.63 -0.07
N GLN A 220 6.30 -7.57 -0.55
CA GLN A 220 6.33 -6.31 0.18
C GLN A 220 4.95 -5.98 0.68
N LEU A 221 4.84 -5.65 1.98
CA LEU A 221 3.59 -5.27 2.62
C LEU A 221 3.58 -3.77 2.89
N TYR A 222 2.53 -3.08 2.44
CA TYR A 222 2.30 -1.72 2.90
C TYR A 222 1.34 -1.79 4.08
N GLN A 223 1.83 -1.45 5.27
CA GLN A 223 1.04 -1.38 6.47
C GLN A 223 0.87 0.10 6.87
N ARG A 224 -0.36 0.61 6.75
CA ARG A 224 -0.58 2.03 6.93
C ARG A 224 -0.49 2.43 8.38
N SER A 225 -0.61 1.44 9.26
CA SER A 225 -0.62 1.67 10.72
C SER A 225 -0.02 0.50 11.47
N ALA A 226 0.85 0.76 12.42
CA ALA A 226 1.54 -0.32 13.08
C ALA A 226 1.86 -0.05 14.55
N ASP A 227 1.29 -0.90 15.40
CA ASP A 227 1.58 -0.91 16.81
C ASP A 227 2.91 -1.59 16.97
N ILE A 228 3.97 -0.81 16.96
CA ILE A 228 5.29 -1.41 16.91
C ILE A 228 5.46 -2.48 17.94
N PHE A 229 4.81 -2.32 19.08
CA PHE A 229 5.08 -3.26 20.14
C PHE A 229 4.20 -4.51 20.17
N LEU A 230 2.89 -4.33 20.08
CA LEU A 230 2.04 -5.47 20.18
C LEU A 230 1.86 -6.14 18.79
N GLY A 231 1.50 -5.36 17.76
CA GLY A 231 1.19 -5.91 16.44
C GLY A 231 2.34 -6.33 15.51
N VAL A 232 3.41 -5.52 15.43
CA VAL A 232 4.47 -5.74 14.42
C VAL A 232 5.15 -7.10 14.52
N PRO A 233 5.47 -7.54 15.75
CA PRO A 233 6.09 -8.86 15.88
C PRO A 233 5.22 -9.98 15.34
N PHE A 234 3.93 -9.86 15.56
CA PHE A 234 2.98 -10.79 15.01
C PHE A 234 2.96 -10.59 13.47
N ASN A 235 2.82 -9.34 13.04
CA ASN A 235 2.57 -9.03 11.62
C ASN A 235 3.73 -9.48 10.75
N ILE A 236 4.95 -9.26 11.23
CA ILE A 236 6.11 -9.76 10.55
C ILE A 236 5.92 -11.24 10.32
N ALA A 237 5.51 -12.01 11.32
CA ALA A 237 5.52 -13.44 11.13
C ALA A 237 4.37 -13.92 10.23
N SER A 238 3.19 -13.28 10.27
CA SER A 238 2.18 -13.60 9.27
C SER A 238 2.72 -13.50 7.84
N TYR A 239 3.21 -12.33 7.48
CA TYR A 239 3.58 -12.12 6.10
C TYR A 239 4.78 -13.00 5.67
N ALA A 240 5.66 -13.27 6.63
CA ALA A 240 6.69 -14.23 6.41
C ALA A 240 6.09 -15.59 6.15
N LEU A 241 5.03 -15.95 6.88
CA LEU A 241 4.47 -17.26 6.68
C LEU A 241 3.74 -17.21 5.36
N LEU A 242 3.07 -16.10 5.11
CA LEU A 242 2.35 -16.03 3.87
C LEU A 242 3.33 -16.18 2.67
N THR A 243 4.53 -15.61 2.79
CA THR A 243 5.53 -15.74 1.73
C THR A 243 5.85 -17.23 1.49
N HIS A 244 5.99 -17.99 2.57
CA HIS A 244 6.32 -19.42 2.41
C HIS A 244 5.21 -20.16 1.75
N LEU A 245 3.98 -19.94 2.21
CA LEU A 245 2.85 -20.67 1.73
C LEU A 245 2.66 -20.46 0.23
N ILE A 246 2.75 -19.22 -0.24
CA ILE A 246 2.55 -18.97 -1.65
C ILE A 246 3.74 -19.50 -2.44
N ALA A 247 4.96 -19.24 -1.94
CA ALA A 247 6.15 -19.79 -2.59
C ALA A 247 6.00 -21.28 -2.83
N LYS A 248 5.41 -21.97 -1.86
CA LYS A 248 5.27 -23.42 -1.99
C LYS A 248 4.14 -23.78 -2.98
N GLU A 249 3.09 -22.99 -3.03
CA GLU A 249 2.02 -23.29 -3.95
C GLU A 249 2.54 -23.04 -5.33
N CYS A 250 3.44 -22.07 -5.44
CA CYS A 250 3.97 -21.69 -6.74
C CYS A 250 5.28 -22.37 -7.07
N GLY A 251 5.68 -23.40 -6.34
CA GLY A 251 6.86 -24.16 -6.75
C GLY A 251 8.18 -23.42 -6.72
N LEU A 252 8.31 -22.44 -5.82
CA LEU A 252 9.40 -21.48 -5.70
C LEU A 252 9.94 -21.56 -4.29
N GLU A 253 11.09 -20.91 -4.07
CA GLU A 253 11.78 -20.78 -2.80
C GLU A 253 11.47 -19.36 -2.29
N VAL A 254 11.81 -19.05 -1.05
CA VAL A 254 11.61 -17.69 -0.53
C VAL A 254 12.81 -16.73 -0.63
N GLY A 255 12.52 -15.47 -0.90
CA GLY A 255 13.57 -14.50 -0.86
C GLY A 255 13.34 -13.65 0.35
N GLU A 256 12.84 -12.43 0.16
CA GLU A 256 12.76 -11.51 1.28
C GLU A 256 11.36 -11.09 1.64
N PHE A 257 11.17 -10.73 2.90
CA PHE A 257 9.99 -9.98 3.28
C PHE A 257 10.39 -8.50 3.45
N VAL A 258 9.74 -7.63 2.71
CA VAL A 258 10.05 -6.22 2.81
C VAL A 258 8.82 -5.61 3.48
N HIS A 259 9.03 -4.76 4.49
CA HIS A 259 7.94 -4.26 5.34
C HIS A 259 7.98 -2.73 5.38
N THR A 260 6.95 -2.11 4.81
CA THR A 260 6.87 -0.66 4.69
C THR A 260 5.77 -0.17 5.61
N PHE A 261 5.98 0.99 6.26
CA PHE A 261 5.01 1.48 7.21
C PHE A 261 4.63 2.92 6.90
N GLY A 262 3.35 3.22 7.09
CA GLY A 262 2.88 4.57 7.21
C GLY A 262 3.19 5.03 8.62
N ASP A 263 2.21 4.86 9.50
CA ASP A 263 2.34 5.32 10.86
C ASP A 263 2.87 4.19 11.75
N ALA A 264 4.20 4.14 11.86
CA ALA A 264 4.86 3.28 12.83
C ALA A 264 4.94 3.95 14.21
N HIS A 265 4.16 3.45 15.17
CA HIS A 265 4.07 4.09 16.49
C HIS A 265 4.21 3.13 17.62
N ILE A 266 4.97 3.53 18.65
CA ILE A 266 4.94 2.85 19.93
C ILE A 266 3.92 3.55 20.77
N TYR A 267 2.89 2.87 21.23
CA TYR A 267 1.91 3.49 22.13
C TYR A 267 2.61 3.89 23.40
N SER A 268 2.16 5.00 24.00
CA SER A 268 2.73 5.59 25.23
C SER A 268 2.91 4.64 26.43
N ASN A 269 2.08 3.62 26.54
CA ASN A 269 2.15 2.69 27.67
C ASN A 269 3.06 1.45 27.42
N HIS A 270 3.77 1.47 26.29
CA HIS A 270 4.58 0.34 25.88
C HIS A 270 6.03 0.61 25.95
N ILE A 271 6.39 1.87 26.18
CA ILE A 271 7.78 2.34 26.30
C ILE A 271 8.55 1.45 27.25
N ASP A 272 7.93 1.22 28.41
CA ASP A 272 8.48 0.35 29.42
C ASP A 272 8.82 -1.04 28.89
N ALA A 273 7.82 -1.71 28.29
CA ALA A 273 7.99 -3.00 27.59
C ALA A 273 9.12 -3.02 26.53
N ILE A 274 9.14 -2.01 25.64
CA ILE A 274 10.17 -1.87 24.60
C ILE A 274 11.57 -1.77 25.17
N GLN A 275 11.69 -0.94 26.21
CA GLN A 275 12.96 -0.71 26.89
C GLN A 275 13.55 -2.02 27.38
N THR A 276 12.72 -2.88 28.00
CA THR A 276 13.18 -4.18 28.47
C THR A 276 13.62 -4.99 27.29
N GLN A 277 12.78 -5.00 26.25
CA GLN A 277 13.12 -5.79 25.08
C GLN A 277 14.43 -5.34 24.44
N LEU A 278 14.63 -4.02 24.31
CA LEU A 278 15.83 -3.48 23.65
C LEU A 278 17.11 -3.84 24.39
N ALA A 279 16.98 -4.19 25.67
CA ALA A 279 18.12 -4.49 26.52
C ALA A 279 18.56 -5.95 26.42
N ARG A 280 17.70 -6.79 25.84
CA ARG A 280 17.96 -8.23 25.70
C ARG A 280 18.80 -8.58 24.49
N GLU A 281 19.45 -9.74 24.53
CA GLU A 281 20.21 -10.17 23.36
C GLU A 281 19.53 -11.32 22.66
N SER A 282 19.89 -11.54 21.40
CA SER A 282 19.21 -12.46 20.48
C SER A 282 19.72 -13.89 20.51
N PHE A 283 18.87 -14.82 20.10
CA PHE A 283 19.30 -16.15 19.72
C PHE A 283 19.24 -16.24 18.21
N ASN A 284 19.96 -17.21 17.65
CA ASN A 284 19.80 -17.57 16.25
C ASN A 284 18.36 -17.87 16.04
N PRO A 285 17.81 -17.39 14.91
CA PRO A 285 16.41 -17.50 14.51
C PRO A 285 16.06 -18.93 14.22
N PRO A 286 14.76 -19.27 14.23
CA PRO A 286 14.33 -20.63 13.91
C PRO A 286 14.22 -20.84 12.41
N THR A 287 13.78 -22.04 12.05
CA THR A 287 13.44 -22.37 10.69
C THR A 287 12.04 -22.97 10.60
N LEU A 288 11.46 -22.86 9.42
CA LEU A 288 10.14 -23.33 9.16
C LEU A 288 10.22 -24.49 8.18
N LYS A 289 9.76 -25.66 8.62
CA LYS A 289 9.42 -26.71 7.67
C LYS A 289 7.90 -26.72 7.51
N ILE A 290 7.43 -27.02 6.30
CA ILE A 290 6.03 -27.33 6.03
C ILE A 290 5.91 -28.81 5.58
N ASN A 291 5.26 -29.64 6.41
CA ASN A 291 5.43 -31.09 6.22
C ASN A 291 4.29 -31.72 5.51
N SER A 292 4.09 -31.29 4.26
CA SER A 292 2.96 -31.78 3.50
C SER A 292 3.10 -31.42 2.05
N ASP A 293 2.50 -32.20 1.18
CA ASP A 293 2.50 -31.87 -0.22
C ASP A 293 1.14 -31.41 -0.69
N LYS A 294 0.27 -31.04 0.26
CA LYS A 294 -1.06 -30.56 -0.08
C LYS A 294 -1.04 -29.12 -0.61
N SER A 295 -2.19 -28.71 -1.18
CA SER A 295 -2.46 -27.32 -1.48
C SER A 295 -2.39 -26.52 -0.19
N ILE A 296 -1.94 -25.27 -0.27
CA ILE A 296 -1.83 -24.49 0.97
C ILE A 296 -3.24 -24.28 1.56
N PHE A 297 -4.26 -24.29 0.71
CA PHE A 297 -5.61 -24.23 1.19
C PHE A 297 -6.07 -25.48 1.82
N ASP A 298 -5.28 -26.54 1.76
CA ASP A 298 -5.69 -27.76 2.46
C ASP A 298 -4.75 -28.05 3.58
N ILE A 299 -3.87 -27.13 3.90
CA ILE A 299 -2.83 -27.47 4.84
C ILE A 299 -3.32 -27.15 6.22
N ASN A 300 -2.87 -27.93 7.20
CA ASN A 300 -3.32 -27.75 8.57
C ASN A 300 -2.17 -27.30 9.44
N TYR A 301 -2.50 -26.63 10.54
CA TYR A 301 -1.46 -26.20 11.52
C TYR A 301 -0.46 -27.28 11.94
N GLU A 302 -0.99 -28.50 12.11
CA GLU A 302 -0.24 -29.72 12.34
C GLU A 302 0.88 -29.91 11.30
N ASP A 303 0.66 -29.50 10.06
CA ASP A 303 1.63 -29.73 8.98
C ASP A 303 2.79 -28.77 9.03
N LEU A 304 2.69 -27.76 9.89
CA LEU A 304 3.76 -26.75 10.04
C LEU A 304 4.67 -27.10 11.22
N GLU A 305 5.94 -26.74 11.13
CA GLU A 305 6.85 -27.07 12.17
C GLU A 305 7.85 -25.99 12.26
N ILE A 306 8.01 -25.45 13.46
CA ILE A 306 9.03 -24.43 13.67
C ILE A 306 10.14 -25.12 14.40
N VAL A 307 11.36 -24.95 13.91
CA VAL A 307 12.43 -25.78 14.41
C VAL A 307 13.47 -24.95 15.13
N ASP A 308 13.79 -25.36 16.36
CA ASP A 308 14.80 -24.63 17.14
C ASP A 308 14.40 -23.17 17.47
N TYR A 309 13.17 -22.93 17.87
CA TYR A 309 12.82 -21.59 18.34
C TYR A 309 13.17 -21.50 19.81
N GLU A 310 14.22 -20.75 20.11
CA GLU A 310 14.59 -20.36 21.45
C GLU A 310 14.44 -18.84 21.47
N SER A 311 13.78 -18.32 22.52
CA SER A 311 13.55 -16.90 22.69
C SER A 311 13.48 -16.54 24.17
N HIS A 312 13.71 -15.28 24.49
CA HIS A 312 13.44 -14.74 25.84
C HIS A 312 11.95 -14.78 26.18
N PRO A 313 11.59 -14.61 27.44
CA PRO A 313 10.17 -14.77 27.79
C PRO A 313 9.25 -13.73 27.12
N ALA A 314 7.95 -14.03 27.06
CA ALA A 314 6.98 -13.06 26.64
C ALA A 314 7.03 -11.81 27.52
N ILE A 315 6.46 -10.71 27.05
CA ILE A 315 6.24 -9.51 27.86
C ILE A 315 4.75 -9.16 27.65
N LYS A 316 4.17 -8.27 28.44
CA LYS A 316 2.75 -7.89 28.23
C LYS A 316 2.52 -6.44 28.62
N ALA A 317 1.39 -5.87 28.18
CA ALA A 317 0.96 -4.52 28.64
C ALA A 317 -0.56 -4.24 28.49
N ASN B 6 22.45 18.73 -4.15
CA ASN B 6 21.14 18.94 -3.46
C ASN B 6 20.43 17.62 -3.11
N SER B 7 19.65 17.63 -2.02
CA SER B 7 19.15 16.40 -1.40
C SER B 7 18.22 15.61 -2.31
N PHE B 8 17.37 16.32 -3.04
CA PHE B 8 16.47 15.64 -3.97
C PHE B 8 17.23 14.83 -5.02
N ASP B 9 18.08 15.52 -5.77
CA ASP B 9 18.89 14.87 -6.79
C ASP B 9 19.66 13.70 -6.10
N ALA B 10 20.29 13.99 -4.96
CA ALA B 10 21.09 12.98 -4.23
C ALA B 10 20.27 11.73 -3.89
N ALA B 11 19.04 11.93 -3.43
CA ALA B 11 18.16 10.81 -3.19
C ALA B 11 18.05 9.93 -4.44
N TYR B 12 17.71 10.55 -5.56
CA TYR B 12 17.49 9.85 -6.81
C TYR B 12 18.78 9.23 -7.34
N HIS B 13 19.89 9.96 -7.20
CA HIS B 13 21.18 9.43 -7.59
C HIS B 13 21.50 8.19 -6.81
N SER B 14 21.02 8.13 -5.56
CA SER B 14 21.27 6.95 -4.71
C SER B 14 20.56 5.79 -5.32
N LEU B 15 19.25 5.97 -5.53
CA LEU B 15 18.41 4.93 -6.13
C LEU B 15 19.01 4.41 -7.46
N CYS B 16 19.39 5.32 -8.34
CA CYS B 16 20.06 4.94 -9.57
C CYS B 16 21.28 4.08 -9.26
N GLU B 17 22.15 4.59 -8.40
CA GLU B 17 23.40 3.90 -8.04
C GLU B 17 23.14 2.48 -7.49
N GLU B 18 22.20 2.38 -6.56
CA GLU B 18 21.82 1.13 -5.90
C GLU B 18 21.32 0.09 -6.90
N VAL B 19 20.47 0.53 -7.79
CA VAL B 19 19.97 -0.39 -8.78
C VAL B 19 21.12 -0.86 -9.68
N LEU B 20 21.99 0.05 -10.13
CA LEU B 20 23.12 -0.38 -10.92
C LEU B 20 24.00 -1.39 -10.19
N GLU B 21 24.21 -1.17 -8.88
CA GLU B 21 25.17 -1.96 -8.13
C GLU B 21 24.59 -3.31 -7.73
N ILE B 22 23.36 -3.30 -7.24
CA ILE B 22 22.84 -4.51 -6.63
C ILE B 22 21.64 -5.12 -7.37
N GLY B 23 21.03 -4.35 -8.28
CA GLY B 23 19.88 -4.84 -9.04
C GLY B 23 20.17 -6.15 -9.75
N ASN B 24 19.11 -6.84 -10.12
CA ASN B 24 19.19 -8.16 -10.75
C ASN B 24 18.71 -8.04 -12.21
N THR B 25 19.35 -8.72 -13.13
CA THR B 25 18.99 -8.59 -14.53
C THR B 25 17.81 -9.52 -14.82
N ARG B 26 16.73 -8.97 -15.35
CA ARG B 26 15.54 -9.78 -15.54
C ARG B 26 14.86 -9.39 -16.85
N ASN B 27 14.13 -10.33 -17.44
CA ASN B 27 13.21 -9.94 -18.49
C ASN B 27 11.98 -9.16 -17.97
N ASP B 28 11.34 -8.38 -18.83
CA ASP B 28 10.13 -7.66 -18.40
C ASP B 28 8.99 -7.94 -19.39
N ARG B 29 7.78 -7.43 -19.15
CA ARG B 29 6.69 -7.68 -20.12
C ARG B 29 6.92 -6.99 -21.48
N THR B 30 7.62 -5.85 -21.46
CA THR B 30 7.90 -5.11 -22.69
C THR B 30 9.01 -5.76 -23.56
N ASN B 31 9.57 -6.87 -23.12
CA ASN B 31 10.71 -7.56 -23.78
C ASN B 31 11.98 -6.71 -23.97
N THR B 32 12.08 -5.65 -23.16
CA THR B 32 13.26 -4.79 -23.22
C THR B 32 14.35 -5.38 -22.32
N GLY B 33 13.96 -5.92 -21.18
CA GLY B 33 14.94 -6.31 -20.19
C GLY B 33 15.14 -5.16 -19.22
N THR B 34 15.24 -5.49 -17.94
CA THR B 34 15.53 -4.47 -16.98
C THR B 34 16.61 -4.92 -16.03
N ILE B 35 17.23 -3.96 -15.38
CA ILE B 35 18.03 -4.26 -14.21
C ILE B 35 17.24 -3.67 -13.04
N SER B 36 16.94 -4.49 -12.04
CA SER B 36 15.87 -4.16 -11.09
C SER B 36 16.13 -4.48 -9.60
N LYS B 37 15.54 -3.66 -8.72
CA LYS B 37 15.47 -3.91 -7.27
C LYS B 37 14.02 -3.89 -6.74
N PHE B 38 13.72 -4.82 -5.88
CA PHE B 38 12.40 -4.84 -5.31
C PHE B 38 12.43 -4.19 -3.94
N GLY B 39 11.66 -3.12 -3.76
CA GLY B 39 11.46 -2.55 -2.44
C GLY B 39 12.57 -1.59 -2.20
N HIS B 40 12.21 -0.35 -1.89
CA HIS B 40 13.14 0.75 -1.77
C HIS B 40 12.38 1.98 -1.35
N GLN B 41 13.05 2.89 -0.62
CA GLN B 41 12.33 4.03 -0.04
C GLN B 41 13.13 5.29 -0.11
N LEU B 42 12.52 6.34 -0.63
CA LEU B 42 13.20 7.63 -0.70
C LEU B 42 12.38 8.61 0.08
N ARG B 43 13.06 9.68 0.50
CA ARG B 43 12.44 10.73 1.25
C ARG B 43 12.78 12.03 0.56
N PHE B 44 11.93 13.04 0.72
CA PHE B 44 12.15 14.37 0.17
C PHE B 44 11.54 15.41 1.10
N ASP B 45 12.38 16.29 1.65
CA ASP B 45 11.84 17.34 2.51
C ASP B 45 11.34 18.49 1.68
N LEU B 46 10.02 18.63 1.61
CA LEU B 46 9.41 19.68 0.79
C LEU B 46 9.61 21.08 1.38
N SER B 47 10.10 21.14 2.61
CA SER B 47 10.50 22.40 3.18
C SER B 47 11.79 22.89 2.50
N LYS B 48 12.58 21.98 1.91
CA LYS B 48 13.83 22.39 1.22
C LYS B 48 13.60 22.92 -0.20
N GLY B 49 12.32 23.11 -0.55
CA GLY B 49 11.88 23.53 -1.89
C GLY B 49 11.10 22.46 -2.66
N PHE B 50 10.95 22.64 -3.97
CA PHE B 50 10.23 21.64 -4.76
C PHE B 50 11.17 20.64 -5.45
N PRO B 51 10.87 19.32 -5.37
CA PRO B 51 11.81 18.31 -5.83
C PRO B 51 11.64 17.98 -7.32
N LEU B 52 11.94 18.97 -8.15
CA LEU B 52 11.99 18.84 -9.57
C LEU B 52 13.48 18.65 -9.89
N LEU B 53 13.88 17.49 -10.40
CA LEU B 53 15.31 17.18 -10.62
C LEU B 53 16.05 18.21 -11.45
N THR B 54 17.30 18.49 -11.06
CA THR B 54 18.11 19.48 -11.77
C THR B 54 19.16 18.82 -12.66
N THR B 55 19.47 17.55 -12.42
CA THR B 55 20.52 16.89 -13.23
C THR B 55 19.99 16.40 -14.60
N LYS B 56 18.66 16.50 -14.78
CA LYS B 56 18.01 16.32 -16.09
C LYS B 56 16.72 17.15 -16.10
N LYS B 57 16.46 17.89 -17.17
CA LYS B 57 15.21 18.65 -17.27
C LYS B 57 13.98 17.76 -17.01
N VAL B 58 13.10 18.20 -16.12
CA VAL B 58 11.79 17.57 -15.97
C VAL B 58 10.79 18.67 -16.14
N SER B 59 9.72 18.40 -16.89
CA SER B 59 8.86 19.49 -17.28
C SER B 59 7.74 19.75 -16.26
N PHE B 60 7.80 20.89 -15.56
CA PHE B 60 6.73 21.23 -14.61
C PHE B 60 5.36 21.35 -15.28
N LYS B 61 5.33 21.85 -16.51
CA LYS B 61 4.11 22.08 -17.24
C LYS B 61 3.34 20.76 -17.36
N LEU B 62 4.02 19.73 -17.87
CA LEU B 62 3.46 18.38 -18.11
C LEU B 62 2.93 17.75 -16.84
N VAL B 63 3.75 17.84 -15.79
CA VAL B 63 3.42 17.32 -14.48
C VAL B 63 2.20 18.03 -13.86
N ALA B 64 2.21 19.35 -13.89
CA ALA B 64 1.17 20.11 -13.23
C ALA B 64 -0.10 19.98 -14.05
N THR B 65 0.04 20.01 -15.37
CA THR B 65 -1.13 19.88 -16.21
C THR B 65 -1.81 18.55 -16.03
N GLU B 66 -1.04 17.47 -15.97
CA GLU B 66 -1.64 16.14 -15.84
C GLU B 66 -2.33 15.95 -14.53
N LEU B 67 -1.69 16.42 -13.45
CA LEU B 67 -2.17 16.25 -12.08
C LEU B 67 -3.48 17.03 -11.82
N LEU B 68 -3.53 18.28 -12.28
CA LEU B 68 -4.73 19.11 -12.19
C LEU B 68 -5.84 18.50 -13.04
N TRP B 69 -5.44 17.83 -14.11
CA TRP B 69 -6.37 17.12 -14.94
C TRP B 69 -7.01 15.97 -14.22
N PHE B 70 -6.22 15.23 -13.42
CA PHE B 70 -6.78 14.16 -12.57
C PHE B 70 -7.71 14.77 -11.50
N ILE B 71 -7.22 15.80 -10.81
CA ILE B 71 -7.97 16.33 -9.67
C ILE B 71 -9.27 17.06 -10.06
N LYS B 72 -9.35 17.51 -11.30
CA LYS B 72 -10.58 18.18 -11.78
C LYS B 72 -11.64 17.14 -12.15
N GLY B 73 -11.25 15.86 -12.17
CA GLY B 73 -12.16 14.80 -12.60
C GLY B 73 -12.56 14.92 -14.07
N ASP B 74 -11.67 15.47 -14.89
CA ASP B 74 -11.84 15.51 -16.34
C ASP B 74 -11.19 14.25 -16.91
N THR B 75 -11.87 13.60 -17.83
CA THR B 75 -11.32 12.42 -18.46
C THR B 75 -11.14 12.66 -19.94
N ASN B 76 -11.13 13.94 -20.30
CA ASN B 76 -11.08 14.32 -21.72
C ASN B 76 -9.80 15.05 -22.15
N ILE B 77 -9.13 14.47 -23.15
CA ILE B 77 -7.76 14.86 -23.46
C ILE B 77 -7.59 16.22 -24.17
N GLN B 78 -8.71 16.90 -24.43
CA GLN B 78 -8.68 18.28 -24.95
C GLN B 78 -7.94 19.22 -23.97
N TYR B 79 -8.37 19.22 -22.72
CA TYR B 79 -7.67 19.93 -21.68
C TYR B 79 -6.15 19.71 -21.79
N LEU B 80 -5.71 18.46 -21.90
CA LEU B 80 -4.26 18.20 -22.03
C LEU B 80 -3.64 18.84 -23.27
N LEU B 81 -4.39 18.83 -24.38
CA LEU B 81 -3.86 19.32 -25.67
C LEU B 81 -3.78 20.82 -25.71
N LYS B 82 -4.74 21.46 -25.03
CA LYS B 82 -4.76 22.90 -24.74
C LYS B 82 -3.39 23.42 -24.24
N TYR B 83 -2.71 22.60 -23.46
CA TYR B 83 -1.44 23.01 -22.93
C TYR B 83 -0.26 22.36 -23.64
N ASN B 84 -0.53 21.62 -24.71
CA ASN B 84 0.48 20.82 -25.43
C ASN B 84 1.09 19.73 -24.59
N ASN B 85 0.26 19.12 -23.78
CA ASN B 85 0.63 17.90 -23.09
C ASN B 85 0.08 16.66 -23.81
N ASN B 86 0.99 15.83 -24.33
CA ASN B 86 0.68 14.70 -25.26
C ASN B 86 0.65 13.31 -24.65
N ILE B 87 1.18 13.22 -23.42
CA ILE B 87 1.36 11.98 -22.67
C ILE B 87 0.30 10.93 -23.00
N TRP B 88 -0.97 11.33 -23.07
CA TRP B 88 -2.08 10.37 -23.17
C TRP B 88 -2.66 10.32 -24.53
N ASN B 89 -1.85 10.66 -25.54
CA ASN B 89 -2.32 10.76 -26.92
C ASN B 89 -2.60 9.40 -27.56
N GLU B 90 -1.60 8.51 -27.60
CA GLU B 90 -1.77 7.17 -28.20
C GLU B 90 -2.99 6.42 -27.62
N TRP B 91 -3.10 6.41 -26.30
CA TRP B 91 -4.22 5.77 -25.59
C TRP B 91 -5.56 6.09 -26.19
N ALA B 92 -5.71 7.33 -26.67
CA ALA B 92 -6.98 7.87 -27.22
C ALA B 92 -7.06 7.68 -28.71
N PHE B 93 -5.90 7.80 -29.34
CA PHE B 93 -5.72 7.49 -30.74
C PHE B 93 -6.09 6.04 -31.06
N GLU B 94 -5.71 5.13 -30.15
CA GLU B 94 -5.99 3.70 -30.34
C GLU B 94 -7.51 3.36 -30.38
N ASN B 95 -8.35 4.32 -29.95
CA ASN B 95 -9.80 4.26 -30.08
C ASN B 95 -10.21 4.87 -31.42
N TYR B 96 -9.67 6.05 -31.72
CA TYR B 96 -9.94 6.72 -32.99
C TYR B 96 -9.69 5.77 -34.15
N ILE B 97 -8.63 4.98 -34.08
CA ILE B 97 -8.19 4.23 -35.28
C ILE B 97 -9.09 3.07 -35.71
N LYS B 98 -9.88 2.57 -34.75
CA LYS B 98 -10.78 1.44 -34.95
C LYS B 98 -12.10 1.79 -35.71
N SER B 99 -12.61 3.00 -35.48
CA SER B 99 -14.03 3.37 -35.71
C SER B 99 -14.45 3.73 -37.14
N ASP B 100 -15.72 4.07 -37.32
CA ASP B 100 -16.19 4.46 -38.65
C ASP B 100 -15.79 5.89 -39.00
N GLU B 101 -14.79 6.42 -38.29
CA GLU B 101 -14.29 7.77 -38.57
C GLU B 101 -12.92 7.77 -39.26
N TYR B 102 -12.00 6.99 -38.72
CA TYR B 102 -10.61 7.03 -39.15
C TYR B 102 -10.43 6.47 -40.55
N ASN B 103 -10.08 7.37 -41.47
CA ASN B 103 -9.89 7.01 -42.88
C ASN B 103 -8.45 7.22 -43.37
N GLY B 104 -7.52 6.60 -42.68
CA GLY B 104 -6.12 6.61 -42.99
C GLY B 104 -5.54 5.20 -42.81
N PRO B 105 -4.26 4.95 -43.13
CA PRO B 105 -3.48 3.66 -42.91
C PRO B 105 -3.71 2.86 -41.51
N ASP B 106 -3.68 1.51 -41.65
CA ASP B 106 -3.94 0.62 -40.48
C ASP B 106 -2.84 0.59 -39.43
N MET B 107 -3.28 0.64 -38.18
CA MET B 107 -2.42 0.83 -37.04
C MET B 107 -2.65 -0.24 -35.95
N PHE B 120 6.42 3.25 -42.37
CA PHE B 120 5.22 3.24 -41.52
C PHE B 120 5.25 4.40 -40.52
N ASN B 121 6.40 4.59 -39.87
CA ASN B 121 6.63 5.67 -38.89
C ASN B 121 6.30 7.09 -39.41
N GLU B 122 6.35 7.23 -40.73
CA GLU B 122 5.93 8.44 -41.45
C GLU B 122 4.43 8.72 -41.31
N GLN B 123 3.65 7.65 -41.51
CA GLN B 123 2.19 7.69 -41.59
C GLN B 123 1.54 7.96 -40.23
N TYR B 124 1.82 7.06 -39.27
CA TYR B 124 1.38 7.21 -37.88
C TYR B 124 1.65 8.63 -37.41
N LYS B 125 2.91 9.05 -37.52
CA LYS B 125 3.32 10.38 -37.06
C LYS B 125 2.45 11.45 -37.70
N GLU B 126 2.27 11.36 -39.01
CA GLU B 126 1.35 12.26 -39.67
C GLU B 126 -0.02 12.16 -39.03
N GLN B 127 -0.56 10.94 -38.95
CA GLN B 127 -1.96 10.71 -38.59
C GLN B 127 -2.29 11.14 -37.16
N MET B 128 -1.28 11.09 -36.31
CA MET B 128 -1.39 11.59 -34.95
C MET B 128 -1.72 13.07 -35.01
N LYS B 129 -1.05 13.80 -35.90
CA LYS B 129 -1.25 15.24 -36.00
C LYS B 129 -2.70 15.59 -36.28
N GLN B 130 -3.23 15.05 -37.37
CA GLN B 130 -4.57 15.42 -37.82
C GLN B 130 -5.63 15.12 -36.76
N PHE B 131 -5.38 14.06 -36.00
CA PHE B 131 -6.29 13.67 -34.93
C PHE B 131 -6.31 14.79 -33.92
N LYS B 132 -5.15 15.05 -33.30
CA LYS B 132 -4.93 16.14 -32.36
C LYS B 132 -5.63 17.41 -32.80
N GLN B 133 -5.42 17.76 -34.07
CA GLN B 133 -6.06 18.87 -34.74
C GLN B 133 -7.57 18.93 -34.44
N ARG B 134 -8.28 17.82 -34.70
CA ARG B 134 -9.76 17.77 -34.63
C ARG B 134 -10.31 17.82 -33.21
N ILE B 135 -9.60 17.20 -32.27
CA ILE B 135 -9.97 17.24 -30.84
C ILE B 135 -9.98 18.66 -30.28
N LEU B 136 -9.06 19.50 -30.74
CA LEU B 136 -9.02 20.91 -30.34
C LEU B 136 -10.17 21.63 -31.02
N GLU B 137 -10.13 21.64 -32.35
CA GLU B 137 -10.97 22.52 -33.18
C GLU B 137 -12.44 22.14 -33.24
N ASP B 138 -12.73 20.84 -33.26
CA ASP B 138 -14.10 20.34 -33.18
C ASP B 138 -14.35 19.94 -31.72
N ASP B 139 -15.12 20.77 -31.02
CA ASP B 139 -15.59 20.48 -29.66
C ASP B 139 -16.27 19.11 -29.58
N THR B 140 -17.20 18.85 -30.49
CA THR B 140 -18.04 17.66 -30.36
C THR B 140 -17.37 16.37 -30.88
N PHE B 141 -16.34 16.53 -31.69
CA PHE B 141 -15.44 15.41 -31.96
C PHE B 141 -14.57 15.13 -30.70
N ALA B 142 -14.25 16.17 -29.94
CA ALA B 142 -13.51 15.98 -28.69
C ALA B 142 -14.31 15.05 -27.79
N LYS B 143 -15.50 15.46 -27.38
CA LYS B 143 -16.32 14.64 -26.48
C LYS B 143 -16.37 13.20 -27.00
N GLN B 144 -16.40 13.09 -28.33
CA GLN B 144 -16.52 11.82 -29.03
C GLN B 144 -15.38 10.84 -28.67
N PHE B 145 -14.15 11.13 -29.09
CA PHE B 145 -13.04 10.19 -28.85
C PHE B 145 -12.08 10.59 -27.74
N GLY B 146 -12.08 11.87 -27.38
CA GLY B 146 -11.08 12.41 -26.47
C GLY B 146 -11.27 11.97 -25.05
N ASP B 147 -12.41 11.31 -24.82
CA ASP B 147 -12.80 10.89 -23.48
C ASP B 147 -12.43 9.45 -23.22
N LEU B 148 -11.15 9.18 -23.00
CA LEU B 148 -10.79 7.90 -22.44
C LEU B 148 -11.16 7.94 -20.97
N GLY B 149 -11.37 6.79 -20.34
CA GLY B 149 -11.83 6.76 -18.96
C GLY B 149 -11.03 5.88 -18.02
N ASN B 150 -9.80 5.55 -18.41
CA ASN B 150 -9.04 4.45 -17.79
C ASN B 150 -7.99 4.94 -16.76
N VAL B 151 -8.25 6.09 -16.15
CA VAL B 151 -7.18 6.85 -15.57
C VAL B 151 -7.26 6.86 -14.02
N TYR B 152 -6.22 7.39 -13.38
CA TYR B 152 -6.20 7.81 -11.96
C TYR B 152 -7.33 8.80 -11.56
N GLY B 153 -7.39 9.93 -12.23
CA GLY B 153 -8.48 10.91 -12.07
C GLY B 153 -9.86 10.33 -11.74
N LYS B 154 -10.20 9.20 -12.34
CA LYS B 154 -11.42 8.48 -11.99
C LYS B 154 -11.26 7.85 -10.62
N GLN B 155 -10.26 7.00 -10.47
CA GLN B 155 -10.11 6.21 -9.27
C GLN B 155 -10.15 7.09 -8.02
N TRP B 156 -9.64 8.31 -8.13
CA TRP B 156 -9.60 9.18 -6.94
C TRP B 156 -10.93 9.74 -6.55
N ARG B 157 -11.56 10.40 -7.51
CA ARG B 157 -12.76 11.21 -7.34
C ARG B 157 -14.04 10.41 -7.60
N ASP B 158 -13.90 9.25 -8.23
CA ASP B 158 -15.06 8.51 -8.67
C ASP B 158 -14.78 7.01 -8.64
N TRP B 159 -15.18 6.40 -7.53
CA TRP B 159 -15.10 4.97 -7.33
C TRP B 159 -16.51 4.50 -7.05
N VAL B 160 -16.87 3.36 -7.62
CA VAL B 160 -18.24 2.82 -7.56
C VAL B 160 -18.33 1.59 -6.68
N ASP B 161 -19.34 1.52 -5.82
CA ASP B 161 -19.60 0.26 -5.16
C ASP B 161 -20.59 -0.56 -5.97
N LYS B 162 -20.92 -1.76 -5.46
CA LYS B 162 -21.88 -2.65 -6.13
C LYS B 162 -23.23 -1.98 -6.40
N ASP B 163 -23.69 -1.17 -5.45
CA ASP B 163 -25.02 -0.58 -5.52
C ASP B 163 -25.04 0.74 -6.29
N GLY B 164 -23.98 0.98 -7.05
CA GLY B 164 -23.89 2.18 -7.89
C GLY B 164 -23.67 3.49 -7.16
N ASN B 165 -23.38 3.42 -5.86
CA ASN B 165 -22.99 4.61 -5.13
C ASN B 165 -21.62 5.04 -5.59
N HIS B 166 -21.44 6.35 -5.70
CA HIS B 166 -20.14 6.90 -5.99
C HIS B 166 -19.50 7.36 -4.72
N PHE B 167 -18.25 6.93 -4.52
CA PHE B 167 -17.41 7.45 -3.46
C PHE B 167 -16.38 8.37 -4.09
N ASP B 168 -15.90 9.32 -3.29
CA ASP B 168 -14.94 10.32 -3.71
C ASP B 168 -13.77 10.34 -2.71
N GLN B 169 -12.82 9.42 -2.89
CA GLN B 169 -11.71 9.31 -1.95
C GLN B 169 -11.02 10.63 -1.65
N LEU B 170 -10.91 11.48 -2.65
CA LEU B 170 -10.11 12.68 -2.50
C LEU B 170 -10.77 13.76 -1.63
N LYS B 171 -12.06 13.99 -1.84
CA LYS B 171 -12.81 14.90 -0.99
C LYS B 171 -12.77 14.43 0.45
N THR B 172 -13.04 13.14 0.64
CA THR B 172 -13.14 12.51 1.95
C THR B 172 -11.90 12.68 2.79
N VAL B 173 -10.74 12.56 2.15
CA VAL B 173 -9.48 12.62 2.86
C VAL B 173 -9.10 14.08 3.17
N ILE B 174 -9.58 15.01 2.34
CA ILE B 174 -9.41 16.42 2.63
C ILE B 174 -10.26 16.83 3.84
N GLU B 175 -11.37 16.13 4.08
CA GLU B 175 -12.27 16.45 5.19
C GLU B 175 -11.83 15.75 6.45
N GLN B 176 -11.17 14.62 6.30
CA GLN B 176 -10.72 13.82 7.40
C GLN B 176 -9.36 14.41 7.84
N ILE B 177 -8.60 15.01 6.90
CA ILE B 177 -7.30 15.63 7.22
C ILE B 177 -7.58 16.91 7.99
N LYS B 178 -8.54 17.68 7.48
CA LYS B 178 -8.97 18.94 8.12
C LYS B 178 -9.51 18.78 9.56
N HIS B 179 -10.31 17.74 9.82
CA HIS B 179 -11.04 17.59 11.10
C HIS B 179 -10.63 16.42 11.98
N ASN B 180 -9.84 15.48 11.44
CA ASN B 180 -9.18 14.44 12.23
C ASN B 180 -7.75 14.20 11.75
N PRO B 181 -6.88 15.21 11.87
CA PRO B 181 -5.53 15.05 11.33
C PRO B 181 -4.84 13.80 11.90
N ASP B 182 -5.00 13.56 13.20
CA ASP B 182 -4.29 12.51 13.91
C ASP B 182 -4.52 11.09 13.36
N SER B 183 -5.51 10.94 12.47
CA SER B 183 -5.89 9.63 11.97
C SER B 183 -4.76 9.00 11.22
N ARG B 184 -4.78 7.67 11.14
CA ARG B 184 -3.83 6.90 10.34
C ARG B 184 -4.57 6.21 9.19
N ARG B 185 -5.60 6.87 8.67
CA ARG B 185 -6.40 6.24 7.63
C ARG B 185 -6.57 7.22 6.51
N HIS B 186 -5.59 8.11 6.39
CA HIS B 186 -5.55 9.05 5.27
C HIS B 186 -5.08 8.33 4.04
N ILE B 187 -5.92 7.40 3.57
CA ILE B 187 -5.60 6.54 2.43
C ILE B 187 -6.45 6.87 1.20
N VAL B 188 -5.75 6.92 0.07
CA VAL B 188 -6.38 7.02 -1.25
C VAL B 188 -5.88 5.82 -2.06
N SER B 189 -6.79 4.98 -2.51
CA SER B 189 -6.38 3.85 -3.33
C SER B 189 -6.69 4.11 -4.78
N ALA B 190 -5.80 3.69 -5.65
CA ALA B 190 -6.04 3.76 -7.08
C ALA B 190 -6.05 2.37 -7.65
N TRP B 191 -6.17 1.34 -6.80
CA TRP B 191 -6.17 -0.08 -7.26
C TRP B 191 -7.50 -0.73 -7.09
N ASN B 192 -8.26 -0.90 -8.18
CA ASN B 192 -9.54 -1.65 -8.15
C ASN B 192 -9.35 -3.04 -8.69
N PRO B 193 -9.35 -4.05 -7.80
CA PRO B 193 -9.15 -5.43 -8.12
C PRO B 193 -10.16 -5.93 -9.12
N THR B 194 -11.31 -5.30 -9.19
CA THR B 194 -12.31 -5.82 -10.09
C THR B 194 -12.16 -5.18 -11.47
N GLU B 195 -11.22 -4.24 -11.62
CA GLU B 195 -11.00 -3.63 -12.91
C GLU B 195 -9.64 -3.88 -13.56
N ILE B 196 -8.90 -4.84 -13.04
CA ILE B 196 -7.50 -4.95 -13.45
C ILE B 196 -7.32 -5.65 -14.80
N ASP B 197 -7.95 -6.82 -14.95
CA ASP B 197 -7.75 -7.72 -16.11
C ASP B 197 -8.17 -7.07 -17.42
N THR B 198 -9.20 -6.25 -17.34
CA THR B 198 -9.60 -5.38 -18.43
C THR B 198 -8.52 -4.31 -18.74
N MET B 199 -7.85 -3.77 -17.71
CA MET B 199 -7.15 -2.48 -17.82
C MET B 199 -6.03 -2.35 -18.83
N ALA B 200 -6.13 -1.26 -19.62
CA ALA B 200 -5.16 -0.93 -20.66
C ALA B 200 -3.79 -1.11 -20.00
N LEU B 201 -3.38 -0.13 -19.17
CA LEU B 201 -2.21 -0.27 -18.32
C LEU B 201 -2.59 0.07 -16.89
N PRO B 202 -2.75 -0.98 -16.06
CA PRO B 202 -3.25 -0.84 -14.71
C PRO B 202 -2.25 -0.05 -13.88
N PRO B 203 -2.73 0.67 -12.86
CA PRO B 203 -1.92 1.71 -12.20
C PRO B 203 -0.57 1.26 -11.62
N CYS B 204 0.42 2.15 -11.73
CA CYS B 204 1.71 2.01 -11.08
C CYS B 204 1.71 2.64 -9.71
N HIS B 205 0.78 3.55 -9.50
CA HIS B 205 0.67 4.24 -8.22
C HIS B 205 -0.54 3.72 -7.52
N THR B 206 -0.36 2.60 -6.87
CA THR B 206 -1.48 1.83 -6.37
C THR B 206 -2.26 2.49 -5.21
N MET B 207 -1.52 3.15 -4.32
CA MET B 207 -2.17 3.92 -3.30
C MET B 207 -1.20 4.82 -2.58
N PHE B 208 -1.75 5.87 -1.98
CA PHE B 208 -0.97 6.76 -1.10
C PHE B 208 -1.63 7.13 0.22
N GLN B 209 -0.80 7.64 1.13
CA GLN B 209 -1.20 8.02 2.49
C GLN B 209 -0.65 9.37 2.95
N PHE B 210 -1.51 10.08 3.66
CA PHE B 210 -1.18 11.37 4.17
C PHE B 210 -0.99 11.31 5.70
N TYR B 211 -0.08 12.14 6.19
CA TYR B 211 0.22 12.19 7.60
C TYR B 211 0.28 13.66 8.01
N VAL B 212 -0.03 13.95 9.27
CA VAL B 212 -0.02 15.33 9.78
C VAL B 212 0.71 15.48 11.11
N GLN B 213 1.77 16.28 11.15
CA GLN B 213 2.46 16.58 12.41
C GLN B 213 3.03 18.01 12.46
N ASP B 214 2.96 18.64 13.65
CA ASP B 214 3.37 20.01 13.86
C ASP B 214 2.95 20.83 12.64
N GLY B 215 1.64 20.83 12.35
CA GLY B 215 1.03 21.58 11.23
C GLY B 215 1.51 21.27 9.81
N LYS B 216 2.24 20.17 9.67
CA LYS B 216 2.88 19.84 8.42
C LYS B 216 2.22 18.62 7.88
N LEU B 217 2.03 18.60 6.58
CA LEU B 217 1.47 17.45 5.88
C LEU B 217 2.55 16.60 5.19
N SER B 218 2.41 15.30 5.31
CA SER B 218 3.25 14.40 4.53
C SER B 218 2.49 13.36 3.71
N CYS B 219 3.18 12.80 2.73
CA CYS B 219 2.56 11.88 1.83
C CYS B 219 3.49 10.75 1.58
N GLN B 220 3.02 9.52 1.74
CA GLN B 220 3.84 8.40 1.28
C GLN B 220 3.12 7.74 0.09
N LEU B 221 3.85 7.50 -0.99
CA LEU B 221 3.26 6.79 -2.13
C LEU B 221 3.78 5.36 -2.25
N TYR B 222 2.91 4.44 -2.63
CA TYR B 222 3.40 3.13 -2.99
C TYR B 222 3.26 2.88 -4.51
N GLN B 223 4.41 2.87 -5.20
CA GLN B 223 4.44 2.63 -6.62
C GLN B 223 4.86 1.18 -6.89
N ARG B 224 3.99 0.35 -7.47
CA ARG B 224 4.32 -1.05 -7.57
C ARG B 224 5.47 -1.24 -8.56
N SER B 225 5.66 -0.26 -9.43
CA SER B 225 6.43 -0.48 -10.63
C SER B 225 6.96 0.85 -11.09
N ALA B 226 8.26 1.01 -11.18
CA ALA B 226 8.78 2.34 -11.53
C ALA B 226 9.88 2.26 -12.53
N ASP B 227 9.72 2.99 -13.64
CA ASP B 227 10.78 3.21 -14.63
C ASP B 227 11.63 4.35 -14.06
N ILE B 228 12.83 3.99 -13.62
CA ILE B 228 13.69 4.92 -12.95
C ILE B 228 14.10 6.05 -13.86
N PHE B 229 14.50 5.75 -15.11
CA PHE B 229 14.95 6.84 -15.99
C PHE B 229 13.83 7.74 -16.48
N LEU B 230 12.75 7.16 -16.99
CA LEU B 230 11.67 7.99 -17.53
C LEU B 230 10.52 8.37 -16.60
N GLY B 231 10.25 7.59 -15.56
CA GLY B 231 9.00 7.74 -14.81
C GLY B 231 9.14 8.32 -13.42
N VAL B 232 10.14 7.85 -12.71
CA VAL B 232 10.31 8.29 -11.36
C VAL B 232 10.37 9.82 -11.30
N PRO B 233 11.30 10.44 -12.08
CA PRO B 233 11.52 11.89 -11.94
C PRO B 233 10.21 12.64 -12.07
N PHE B 234 9.39 12.14 -12.96
CA PHE B 234 8.14 12.75 -13.28
C PHE B 234 7.21 12.56 -12.10
N ASN B 235 7.11 11.32 -11.60
CA ASN B 235 6.19 10.96 -10.55
C ASN B 235 6.53 11.65 -9.25
N ILE B 236 7.82 11.63 -8.93
CA ILE B 236 8.28 12.38 -7.78
C ILE B 236 7.68 13.81 -7.79
N ALA B 237 7.74 14.47 -8.96
CA ALA B 237 7.23 15.81 -9.09
C ALA B 237 5.72 15.84 -8.94
N SER B 238 5.02 14.88 -9.53
CA SER B 238 3.57 14.78 -9.38
C SER B 238 3.15 14.68 -7.92
N TYR B 239 3.78 13.74 -7.18
CA TYR B 239 3.40 13.52 -5.79
C TYR B 239 3.88 14.62 -4.83
N ALA B 240 4.95 15.33 -5.21
CA ALA B 240 5.37 16.47 -4.43
C ALA B 240 4.35 17.58 -4.65
N LEU B 241 3.90 17.75 -5.88
CA LEU B 241 2.94 18.80 -6.14
C LEU B 241 1.61 18.48 -5.47
N LEU B 242 1.28 17.20 -5.38
CA LEU B 242 -0.01 16.81 -4.80
C LEU B 242 -0.10 17.20 -3.34
N THR B 243 0.86 16.69 -2.57
CA THR B 243 1.06 17.10 -1.20
C THR B 243 0.74 18.62 -1.05
N HIS B 244 1.46 19.44 -1.83
CA HIS B 244 1.42 20.91 -1.72
C HIS B 244 0.02 21.42 -1.87
N LEU B 245 -0.69 20.77 -2.79
CA LEU B 245 -2.06 21.11 -3.13
C LEU B 245 -2.99 20.76 -2.00
N ILE B 246 -2.90 19.51 -1.55
CA ILE B 246 -3.73 19.08 -0.45
C ILE B 246 -3.44 19.99 0.75
N ALA B 247 -2.14 20.15 1.00
CA ALA B 247 -1.64 20.90 2.14
C ALA B 247 -2.24 22.27 2.19
N LYS B 248 -2.23 22.95 1.05
CA LYS B 248 -2.74 24.31 0.95
C LYS B 248 -4.24 24.36 1.20
N GLU B 249 -4.93 23.32 0.71
CA GLU B 249 -6.38 23.23 0.79
C GLU B 249 -6.83 22.93 2.19
N CYS B 250 -5.96 22.30 2.97
CA CYS B 250 -6.27 22.03 4.38
C CYS B 250 -5.54 23.02 5.29
N GLY B 251 -5.08 24.13 4.72
CA GLY B 251 -4.31 25.12 5.47
C GLY B 251 -3.20 24.51 6.33
N LEU B 252 -2.38 23.62 5.75
CA LEU B 252 -1.17 23.12 6.42
C LEU B 252 0.12 23.51 5.71
N GLU B 253 1.25 23.26 6.38
CA GLU B 253 2.60 23.44 5.84
C GLU B 253 3.03 22.10 5.23
N VAL B 254 4.10 22.08 4.45
CA VAL B 254 4.52 20.83 3.79
C VAL B 254 5.66 20.13 4.51
N GLY B 255 5.57 18.80 4.55
CA GLY B 255 6.55 18.04 5.27
C GLY B 255 7.38 17.29 4.28
N GLU B 256 7.32 15.97 4.38
CA GLU B 256 8.04 15.13 3.45
C GLU B 256 7.15 14.46 2.42
N PHE B 257 7.73 14.10 1.29
CA PHE B 257 7.11 13.11 0.45
C PHE B 257 8.03 11.93 0.58
N VAL B 258 7.44 10.75 0.76
CA VAL B 258 8.17 9.51 0.99
C VAL B 258 7.74 8.63 -0.16
N HIS B 259 8.74 8.10 -0.85
CA HIS B 259 8.44 7.43 -2.10
C HIS B 259 8.86 6.04 -1.99
N THR B 260 7.86 5.15 -1.87
CA THR B 260 8.12 3.74 -1.77
C THR B 260 7.96 3.01 -3.08
N PHE B 261 8.88 2.08 -3.35
CA PHE B 261 8.89 1.37 -4.63
C PHE B 261 8.72 -0.09 -4.42
N GLY B 262 8.18 -0.75 -5.44
CA GLY B 262 8.09 -2.19 -5.50
C GLY B 262 9.22 -2.56 -6.45
N ASP B 263 8.89 -2.74 -7.72
CA ASP B 263 9.91 -3.02 -8.72
C ASP B 263 10.45 -1.73 -9.27
N ALA B 264 11.55 -1.30 -8.70
CA ALA B 264 12.25 -0.16 -9.21
C ALA B 264 13.25 -0.70 -10.24
N HIS B 265 13.05 -0.29 -11.49
CA HIS B 265 13.84 -0.83 -12.59
C HIS B 265 14.37 0.23 -13.49
N ILE B 266 15.54 -0.02 -14.06
CA ILE B 266 16.07 0.80 -15.11
C ILE B 266 15.96 -0.13 -16.29
N TYR B 267 15.45 0.38 -17.41
CA TYR B 267 15.38 -0.40 -18.62
C TYR B 267 16.80 -0.52 -19.17
N SER B 268 17.09 -1.62 -19.87
CA SER B 268 18.42 -1.83 -20.44
C SER B 268 18.78 -0.76 -21.45
N ASN B 269 17.80 -0.23 -22.17
CA ASN B 269 18.11 0.81 -23.16
C ASN B 269 18.38 2.18 -22.50
N HIS B 270 18.62 2.19 -21.18
CA HIS B 270 18.73 3.44 -20.40
C HIS B 270 19.98 3.55 -19.56
N ILE B 271 20.75 2.47 -19.47
CA ILE B 271 21.97 2.43 -18.69
C ILE B 271 22.88 3.64 -19.01
N ASP B 272 23.14 3.90 -20.29
CA ASP B 272 23.96 5.07 -20.66
C ASP B 272 23.30 6.37 -20.29
N ALA B 273 22.01 6.48 -20.57
CA ALA B 273 21.30 7.71 -20.29
C ALA B 273 21.48 8.06 -18.81
N ILE B 274 21.45 7.03 -17.96
CA ILE B 274 21.58 7.14 -16.50
C ILE B 274 23.02 7.44 -16.13
N GLN B 275 23.94 6.70 -16.74
CA GLN B 275 25.38 6.93 -16.56
C GLN B 275 25.74 8.41 -16.82
N THR B 276 25.34 8.93 -17.98
CA THR B 276 25.49 10.35 -18.29
C THR B 276 24.93 11.21 -17.15
N GLN B 277 23.73 10.89 -16.66
CA GLN B 277 23.10 11.69 -15.61
C GLN B 277 23.96 11.73 -14.36
N LEU B 278 24.44 10.56 -13.94
CA LEU B 278 25.15 10.40 -12.64
C LEU B 278 26.48 11.10 -12.59
N ALA B 279 26.96 11.50 -13.76
CA ALA B 279 28.20 12.24 -13.83
C ALA B 279 27.99 13.77 -13.78
N ARG B 280 26.76 14.22 -13.50
CA ARG B 280 26.45 15.65 -13.50
C ARG B 280 26.24 16.23 -12.11
N GLU B 281 26.75 17.44 -11.89
CA GLU B 281 26.56 18.10 -10.61
C GLU B 281 25.23 18.85 -10.59
N SER B 282 24.60 18.96 -9.42
CA SER B 282 23.26 19.53 -9.26
C SER B 282 23.28 21.05 -9.27
N PHE B 283 22.10 21.63 -9.44
CA PHE B 283 21.89 23.03 -9.15
C PHE B 283 21.02 23.02 -7.92
N ASN B 284 20.88 24.16 -7.26
CA ASN B 284 19.89 24.33 -6.19
C ASN B 284 18.50 24.09 -6.77
N PRO B 285 17.60 23.50 -5.95
CA PRO B 285 16.26 23.20 -6.41
C PRO B 285 15.44 24.48 -6.46
N PRO B 286 14.46 24.53 -7.35
CA PRO B 286 13.53 25.64 -7.43
C PRO B 286 12.61 25.70 -6.23
N THR B 287 11.72 26.68 -6.21
CA THR B 287 10.67 26.72 -5.22
C THR B 287 9.32 26.90 -5.91
N LEU B 288 8.23 26.65 -5.19
CA LEU B 288 6.91 26.59 -5.81
C LEU B 288 5.94 27.57 -5.22
N LYS B 289 5.24 28.31 -6.04
CA LYS B 289 4.27 29.25 -5.50
C LYS B 289 2.90 28.93 -6.11
N ILE B 290 1.89 28.84 -5.24
CA ILE B 290 0.49 28.78 -5.66
C ILE B 290 -0.11 30.14 -5.36
N ASN B 291 -0.27 30.92 -6.43
CA ASN B 291 -0.72 32.32 -6.37
C ASN B 291 -2.25 32.43 -6.43
N SER B 292 -2.97 31.83 -5.47
CA SER B 292 -4.41 32.01 -5.38
C SER B 292 -4.96 31.52 -4.05
N ASP B 293 -6.22 31.87 -3.80
CA ASP B 293 -6.94 31.46 -2.62
C ASP B 293 -8.26 30.82 -3.02
N LYS B 294 -8.29 30.28 -4.24
CA LYS B 294 -9.43 29.48 -4.71
C LYS B 294 -9.26 28.02 -4.31
N SER B 295 -10.39 27.32 -4.11
CA SER B 295 -10.35 25.88 -3.84
C SER B 295 -9.48 25.18 -4.88
N ILE B 296 -8.63 24.29 -4.40
CA ILE B 296 -7.68 23.65 -5.31
C ILE B 296 -8.33 22.88 -6.47
N PHE B 297 -9.66 22.73 -6.48
CA PHE B 297 -10.38 22.11 -7.60
C PHE B 297 -10.83 23.15 -8.62
N ASP B 298 -10.55 24.42 -8.30
CA ASP B 298 -10.80 25.57 -9.16
C ASP B 298 -9.43 26.10 -9.61
N ILE B 299 -8.37 25.63 -8.96
CA ILE B 299 -7.00 26.02 -9.32
C ILE B 299 -6.62 25.68 -10.78
N ASN B 300 -6.12 26.68 -11.50
CA ASN B 300 -5.65 26.47 -12.87
C ASN B 300 -4.13 26.47 -12.95
N TYR B 301 -3.59 25.86 -14.00
CA TYR B 301 -2.14 25.81 -14.18
C TYR B 301 -1.47 27.20 -14.09
N GLU B 302 -2.13 28.23 -14.63
CA GLU B 302 -1.63 29.61 -14.55
C GLU B 302 -1.36 30.09 -13.11
N ASP B 303 -1.95 29.44 -12.12
CA ASP B 303 -1.79 29.81 -10.70
C ASP B 303 -0.58 29.15 -10.00
N LEU B 304 0.24 28.44 -10.78
CA LEU B 304 1.42 27.75 -10.26
C LEU B 304 2.70 28.34 -10.85
N GLU B 305 3.72 28.44 -10.02
CA GLU B 305 4.95 29.11 -10.42
C GLU B 305 6.22 28.42 -9.94
N ILE B 306 7.05 27.99 -10.87
CA ILE B 306 8.35 27.42 -10.50
C ILE B 306 9.45 28.48 -10.60
N VAL B 307 9.97 28.82 -9.41
CA VAL B 307 10.91 29.94 -9.23
C VAL B 307 12.37 29.47 -9.29
N ASP B 308 13.16 30.08 -10.16
CA ASP B 308 14.57 29.73 -10.32
C ASP B 308 14.82 28.22 -10.51
N TYR B 309 14.09 27.61 -11.44
CA TYR B 309 14.38 26.24 -11.78
C TYR B 309 15.56 26.13 -12.71
N GLU B 310 16.67 25.58 -12.23
CA GLU B 310 17.73 25.29 -13.18
C GLU B 310 18.12 23.83 -13.28
N SER B 311 18.13 23.35 -14.52
CA SER B 311 18.45 21.99 -14.83
C SER B 311 19.52 21.91 -15.93
N HIS B 312 20.33 20.86 -15.91
CA HIS B 312 21.11 20.43 -17.07
C HIS B 312 20.12 20.05 -18.15
N PRO B 313 20.51 20.12 -19.43
CA PRO B 313 19.50 19.86 -20.45
C PRO B 313 19.06 18.38 -20.46
N ALA B 314 18.11 18.01 -21.32
CA ALA B 314 17.46 16.69 -21.30
C ALA B 314 18.30 15.59 -21.93
N ILE B 315 18.14 14.35 -21.48
CA ILE B 315 18.84 13.21 -22.12
C ILE B 315 17.91 12.26 -22.91
N LYS B 316 18.45 11.61 -23.97
CA LYS B 316 17.66 10.87 -24.98
C LYS B 316 17.84 9.33 -25.06
N ALA B 317 16.75 8.60 -25.39
CA ALA B 317 16.79 7.15 -25.59
C ALA B 317 17.27 6.79 -27.01
N1 UMP C . -2.60 -2.89 14.46
C2 UMP C . -1.33 -3.38 14.03
N3 UMP C . -1.23 -4.50 13.33
C4 UMP C . -2.35 -5.20 12.99
C5 UMP C . -3.63 -4.73 13.37
C6 UMP C . -3.73 -3.56 14.14
O2 UMP C . -0.27 -2.80 14.34
O4 UMP C . -2.23 -6.26 12.33
C1' UMP C . -2.68 -1.67 15.27
C2' UMP C . -2.20 -0.41 14.57
C3' UMP C . -3.00 0.65 15.31
C4' UMP C . -4.31 -0.02 15.60
O3' UMP C . -2.32 0.98 16.53
O4' UMP C . -4.01 -1.41 15.68
C5' UMP C . -5.27 0.20 14.45
O5' UMP C . -5.95 1.43 14.65
P UMP C . -5.95 2.49 13.47
OP1 UMP C . -7.09 2.10 12.56
OP2 UMP C . -6.18 3.81 14.16
OP3 UMP C . -4.59 2.39 12.87
N1 UMP D . 5.68 3.70 -15.23
C2 UMP D . 6.30 4.59 -14.32
N3 UMP D . 5.61 5.66 -13.83
C4 UMP D . 4.34 5.93 -14.20
C5 UMP D . 3.70 5.05 -15.08
C6 UMP D . 4.40 3.95 -15.60
O2 UMP D . 7.50 4.37 -13.99
O4 UMP D . 3.71 6.93 -13.74
C1' UMP D . 6.43 2.56 -15.78
C2' UMP D . 6.68 1.34 -14.88
C3' UMP D . 6.89 0.29 -15.96
C4' UMP D . 5.83 0.63 -16.99
O3' UMP D . 8.11 0.52 -16.69
O4' UMP D . 5.80 2.06 -16.97
C5' UMP D . 4.47 0.02 -16.65
O5' UMP D . 4.56 -1.37 -16.89
P UMP D . 4.01 -2.51 -15.89
OP1 UMP D . 4.62 -2.40 -14.50
OP2 UMP D . 2.52 -2.33 -15.86
OP3 UMP D . 4.50 -3.77 -16.62
#